data_5Z03
#
_entry.id   5Z03
#
_cell.length_a   68.823
_cell.length_b   93.379
_cell.length_c   86.793
_cell.angle_alpha   90.000
_cell.angle_beta   90.000
_cell.angle_gamma   90.000
#
_symmetry.space_group_name_H-M   'P 21 21 2'
#
loop_
_entity.id
_entity.type
_entity.pdbx_description
1 polymer 'Murein tetrapeptide carboxypeptidase'
2 water water
#
_entity_poly.entity_id   1
_entity_poly.type   'polypeptide(L)'
_entity_poly.pdbx_seq_one_letter_code
;MGSSHHHHHHSSGLVPRGHMSLFHLIAPSGYCIKQHAALRGIQRLTDAGHQVNNVEVIARRCERFAGTETERLEDLNSLA
RLTTPNTIVLAVRGGYGASRLLADIDWQALVARQQHDPLLICGHADFTAIQCGLLAHGNVITFSGPMLVANFGADELNAF
TEHHFWLALRNETFTIEWQGEGPTCRAEGTLWGGNLAMLISLIGTPWMPKIENGILVLEDINEHPFRVERMLLQLYHAGI
LPRQKAIILGSFSGSTPNDYDAGYNLESVYAFLRSRLSIPLITGLDFGHEQRTVTLPLGAHAILNNTREGTQLTISGHPV
LKM
;
_entity_poly.pdbx_strand_id   A,B
#
# COMPACT_ATOMS: atom_id res chain seq x y z
N HIS A 19 5.25 36.91 -13.39
CA HIS A 19 3.85 36.74 -13.90
C HIS A 19 2.87 36.78 -12.73
N MET A 20 2.27 37.97 -12.55
CA MET A 20 1.36 38.14 -11.43
C MET A 20 0.03 37.46 -11.70
N SER A 21 -0.41 36.71 -10.70
CA SER A 21 -1.39 35.65 -10.94
C SER A 21 -2.44 35.68 -9.86
N LEU A 22 -3.50 34.97 -10.13
CA LEU A 22 -4.56 34.69 -9.18
C LEU A 22 -4.48 33.22 -8.71
N PHE A 23 -4.36 33.10 -7.40
CA PHE A 23 -4.40 31.83 -6.64
C PHE A 23 -5.75 31.60 -5.92
N HIS A 24 -6.23 30.35 -5.93
CA HIS A 24 -7.44 29.99 -5.29
C HIS A 24 -7.03 28.78 -4.47
N LEU A 25 -7.11 28.87 -3.13
CA LEU A 25 -6.62 27.84 -2.28
C LEU A 25 -7.67 26.74 -2.09
N ILE A 26 -7.25 25.47 -2.20
CA ILE A 26 -8.13 24.34 -1.81
C ILE A 26 -7.50 23.55 -0.70
N ALA A 27 -8.35 23.06 0.22
CA ALA A 27 -7.92 22.19 1.33
C ALA A 27 -8.73 20.88 1.41
N PRO A 28 -8.47 19.91 0.48
CA PRO A 28 -9.12 18.58 0.57
C PRO A 28 -8.52 17.66 1.66
N SER A 29 -7.35 18.04 2.22
CA SER A 29 -6.64 17.27 3.24
C SER A 29 -6.36 18.07 4.53
N ILE A 33 -3.85 23.20 11.20
CA ILE A 33 -2.76 22.94 12.16
C ILE A 33 -1.40 23.60 11.81
N LYS A 34 -1.16 23.85 10.52
CA LYS A 34 -0.01 24.61 10.10
C LYS A 34 -0.47 25.98 9.54
N GLN A 35 -1.40 26.59 10.27
CA GLN A 35 -2.03 27.83 9.77
C GLN A 35 -1.03 28.98 9.67
N HIS A 36 -0.05 29.06 10.58
CA HIS A 36 1.03 30.06 10.52
C HIS A 36 1.82 29.97 9.18
N ALA A 37 2.15 28.75 8.76
CA ALA A 37 2.90 28.52 7.49
C ALA A 37 2.02 28.80 6.27
N ALA A 38 0.74 28.42 6.37
CA ALA A 38 -0.30 28.83 5.38
C ALA A 38 -0.35 30.38 5.24
N LEU A 39 -0.36 31.10 6.37
CA LEU A 39 -0.34 32.55 6.32
C LEU A 39 0.97 33.08 5.79
N ARG A 40 2.08 32.45 6.17
CA ARG A 40 3.38 32.92 5.66
C ARG A 40 3.42 32.78 4.13
N GLY A 41 2.89 31.67 3.62
CA GLY A 41 2.76 31.47 2.17
C GLY A 41 1.88 32.48 1.46
N ILE A 42 0.71 32.76 2.05
CA ILE A 42 -0.19 33.81 1.51
C ILE A 42 0.49 35.18 1.47
N GLN A 43 1.08 35.57 2.60
CA GLN A 43 1.83 36.79 2.73
C GLN A 43 2.95 36.90 1.68
N ARG A 44 3.72 35.85 1.42
CA ARG A 44 4.72 35.87 0.37
C ARG A 44 4.11 36.05 -1.00
N LEU A 45 3.10 35.29 -1.33
CA LEU A 45 2.47 35.42 -2.62
C LEU A 45 1.88 36.86 -2.84
N THR A 46 1.12 37.36 -1.85
CA THR A 46 0.48 38.65 -1.93
C THR A 46 1.50 39.77 -1.95
N ASP A 47 2.55 39.69 -1.10
CA ASP A 47 3.66 40.64 -1.14
C ASP A 47 4.34 40.72 -2.50
N ALA A 48 4.43 39.60 -3.19
CA ALA A 48 5.00 39.59 -4.51
C ALA A 48 4.02 40.04 -5.62
N GLY A 49 2.80 40.48 -5.26
CA GLY A 49 1.81 40.98 -6.24
C GLY A 49 0.87 39.95 -6.86
N HIS A 50 0.87 38.72 -6.34
CA HIS A 50 -0.19 37.78 -6.67
C HIS A 50 -1.37 38.12 -5.82
N GLN A 51 -2.52 37.65 -6.26
CA GLN A 51 -3.77 37.79 -5.54
C GLN A 51 -4.23 36.37 -5.11
N VAL A 52 -4.83 36.33 -3.94
CA VAL A 52 -5.44 35.08 -3.42
C VAL A 52 -6.95 35.21 -3.34
N ASN A 53 -7.64 34.42 -4.15
CA ASN A 53 -9.05 34.51 -4.37
C ASN A 53 -9.83 34.32 -3.07
N ASN A 54 -9.41 33.38 -2.23
CA ASN A 54 -10.20 32.99 -1.05
C ASN A 54 -9.42 32.91 0.28
N VAL A 55 -8.70 33.99 0.60
CA VAL A 55 -7.89 34.08 1.86
C VAL A 55 -8.72 33.67 3.09
N GLU A 56 -9.95 34.20 3.15
CA GLU A 56 -11.01 33.85 4.12
C GLU A 56 -11.17 32.38 4.51
N VAL A 57 -10.91 31.44 3.59
CA VAL A 57 -10.97 30.00 3.92
C VAL A 57 -9.61 29.46 4.43
N ILE A 58 -9.02 30.13 5.41
CA ILE A 58 -8.20 29.46 6.43
C ILE A 58 -8.92 29.51 7.81
N ALA A 59 -9.86 30.45 8.01
CA ALA A 59 -10.91 30.32 9.05
C ALA A 59 -11.83 29.11 8.79
N THR A 68 -14.45 19.37 8.00
CA THR A 68 -15.43 18.31 7.84
C THR A 68 -15.42 17.75 6.40
N GLU A 69 -16.17 16.66 6.19
CA GLU A 69 -16.22 15.98 4.88
C GLU A 69 -16.91 16.83 3.85
N THR A 70 -18.11 17.30 4.16
CA THR A 70 -18.88 18.11 3.22
C THR A 70 -18.09 19.38 2.83
N GLU A 71 -17.40 20.00 3.78
CA GLU A 71 -16.66 21.24 3.50
C GLU A 71 -15.36 20.98 2.69
N ARG A 72 -14.63 19.90 3.00
CA ARG A 72 -13.48 19.50 2.18
C ARG A 72 -13.95 19.06 0.80
N LEU A 73 -15.03 18.27 0.74
CA LEU A 73 -15.62 17.87 -0.55
C LEU A 73 -16.01 19.06 -1.44
N GLU A 74 -16.67 20.06 -0.87
CA GLU A 74 -17.11 21.26 -1.62
C GLU A 74 -15.93 22.08 -2.15
N ASP A 75 -14.82 22.14 -1.42
CA ASP A 75 -13.59 22.75 -1.97
C ASP A 75 -13.29 22.19 -3.37
N LEU A 76 -13.52 20.90 -3.57
CA LEU A 76 -13.21 20.33 -4.87
C LEU A 76 -14.36 20.48 -5.80
N ASN A 77 -15.56 20.02 -5.40
CA ASN A 77 -16.70 20.04 -6.36
C ASN A 77 -17.03 21.49 -6.75
N SER A 78 -16.80 22.46 -5.85
CA SER A 78 -17.11 23.85 -6.19
C SER A 78 -16.12 24.47 -7.19
N LEU A 79 -14.97 23.82 -7.41
CA LEU A 79 -14.14 24.20 -8.53
C LEU A 79 -14.87 24.14 -9.86
N ALA A 80 -15.84 23.28 -10.00
CA ALA A 80 -16.51 23.21 -11.31
C ALA A 80 -17.30 24.53 -11.59
N ARG A 81 -17.59 25.32 -10.54
CA ARG A 81 -18.28 26.59 -10.68
C ARG A 81 -17.36 27.79 -10.47
N LEU A 82 -16.06 27.53 -10.23
CA LEU A 82 -15.01 28.59 -10.14
C LEU A 82 -14.59 29.02 -11.52
N THR A 83 -15.01 30.21 -11.92
CA THR A 83 -14.86 30.68 -13.30
C THR A 83 -13.99 31.95 -13.39
N THR A 84 -13.26 32.27 -12.32
CA THR A 84 -12.19 33.26 -12.36
C THR A 84 -11.21 32.93 -13.53
N PRO A 85 -10.66 33.95 -14.20
CA PRO A 85 -9.88 33.59 -15.40
C PRO A 85 -8.46 32.99 -15.06
N ASN A 86 -8.04 32.01 -15.83
CA ASN A 86 -6.65 31.46 -15.80
C ASN A 86 -6.01 31.34 -14.39
N THR A 87 -6.74 30.62 -13.52
CA THR A 87 -6.49 30.66 -12.10
C THR A 87 -5.59 29.49 -11.70
N ILE A 88 -4.69 29.70 -10.71
CA ILE A 88 -3.86 28.65 -10.19
C ILE A 88 -4.63 28.12 -8.97
N VAL A 89 -5.01 26.85 -8.99
CA VAL A 89 -5.66 26.25 -7.85
C VAL A 89 -4.54 25.53 -7.09
N LEU A 90 -4.21 26.08 -5.89
CA LEU A 90 -3.14 25.53 -5.04
C LEU A 90 -3.66 24.73 -3.82
N ALA A 91 -3.27 23.45 -3.71
CA ALA A 91 -3.60 22.64 -2.59
C ALA A 91 -2.84 23.24 -1.41
N VAL A 92 -3.50 23.33 -0.30
CA VAL A 92 -2.82 23.92 0.92
C VAL A 92 -1.84 22.92 1.58
N ARG A 93 -2.31 21.72 1.80
CA ARG A 93 -1.45 20.63 2.28
C ARG A 93 -1.93 19.32 1.74
N GLY A 94 -1.04 18.35 1.74
CA GLY A 94 -1.38 17.04 1.19
C GLY A 94 -1.21 15.94 2.21
N GLY A 95 -1.53 16.22 3.48
CA GLY A 95 -1.63 15.18 4.51
C GLY A 95 -2.84 14.37 4.05
N TYR A 96 -3.31 13.44 4.84
CA TYR A 96 -4.37 12.54 4.37
C TYR A 96 -5.76 13.19 4.25
N GLY A 97 -6.66 12.59 3.48
CA GLY A 97 -8.07 13.00 3.43
C GLY A 97 -8.72 12.79 2.08
N ALA A 98 -7.90 12.83 1.02
CA ALA A 98 -8.37 12.67 -0.36
C ALA A 98 -9.04 11.38 -0.64
N SER A 99 -8.49 10.31 -0.08
CA SER A 99 -9.08 8.98 -0.21
C SER A 99 -10.57 8.93 0.18
N ARG A 100 -10.96 9.61 1.26
CA ARG A 100 -12.38 9.72 1.65
C ARG A 100 -13.28 10.38 0.59
N LEU A 101 -12.71 11.29 -0.20
CA LEU A 101 -13.49 12.09 -1.13
C LEU A 101 -13.76 11.43 -2.42
N LEU A 102 -12.92 10.48 -2.83
CA LEU A 102 -12.88 10.06 -4.26
C LEU A 102 -14.21 9.59 -4.82
N ALA A 103 -14.98 8.89 -4.02
CA ALA A 103 -16.25 8.32 -4.55
C ALA A 103 -17.36 9.40 -4.63
N ASP A 104 -17.19 10.54 -3.91
CA ASP A 104 -18.18 11.68 -3.92
C ASP A 104 -17.83 12.95 -4.74
N ILE A 105 -16.61 12.96 -5.32
CA ILE A 105 -16.18 14.02 -6.25
C ILE A 105 -17.01 13.92 -7.49
N ASP A 106 -17.50 15.07 -7.96
CA ASP A 106 -18.23 15.13 -9.22
C ASP A 106 -17.21 15.24 -10.34
N TRP A 107 -16.65 14.09 -10.69
CA TRP A 107 -15.60 14.00 -11.74
C TRP A 107 -16.09 14.60 -13.05
N GLN A 108 -17.29 14.22 -13.50
CA GLN A 108 -17.75 14.74 -14.80
C GLN A 108 -17.81 16.29 -14.87
N ALA A 109 -18.25 16.93 -13.78
CA ALA A 109 -18.34 18.37 -13.71
C ALA A 109 -16.94 19.01 -13.70
N LEU A 110 -15.99 18.40 -13.00
CA LEU A 110 -14.60 18.90 -13.05
C LEU A 110 -14.01 18.73 -14.42
N VAL A 111 -14.23 17.58 -15.03
CA VAL A 111 -13.63 17.36 -16.36
C VAL A 111 -14.27 18.40 -17.30
N ALA A 112 -15.59 18.63 -17.17
CA ALA A 112 -16.29 19.63 -18.05
C ALA A 112 -15.65 20.99 -17.88
N ARG A 113 -15.48 21.42 -16.63
CA ARG A 113 -14.80 22.68 -16.28
C ARG A 113 -13.50 22.91 -16.97
N GLN A 114 -12.69 21.85 -16.99
CA GLN A 114 -11.33 21.95 -17.48
C GLN A 114 -11.25 21.96 -19.03
N GLN A 115 -12.36 21.73 -19.72
CA GLN A 115 -12.39 21.84 -21.19
C GLN A 115 -12.15 23.31 -21.68
N HIS A 116 -12.57 24.33 -20.91
CA HIS A 116 -12.35 25.73 -21.28
C HIS A 116 -11.71 26.61 -20.18
N ASP A 117 -10.71 27.40 -20.57
CA ASP A 117 -9.89 28.22 -19.63
C ASP A 117 -9.60 27.41 -18.34
N PRO A 118 -8.91 26.23 -18.48
CA PRO A 118 -8.67 25.33 -17.37
C PRO A 118 -8.07 26.04 -16.20
N LEU A 119 -8.50 25.67 -15.03
CA LEU A 119 -7.74 25.90 -13.79
C LEU A 119 -6.36 25.20 -13.92
N LEU A 120 -5.34 25.84 -13.36
CA LEU A 120 -4.01 25.31 -13.29
C LEU A 120 -3.87 24.73 -11.90
N ILE A 121 -4.12 23.41 -11.80
CA ILE A 121 -4.27 22.77 -10.47
C ILE A 121 -2.94 22.16 -9.97
N CYS A 122 -2.47 22.53 -8.77
CA CYS A 122 -1.17 22.12 -8.36
C CYS A 122 -1.15 21.62 -6.92
N GLY A 123 -0.60 20.41 -6.71
CA GLY A 123 -0.38 19.91 -5.38
C GLY A 123 0.45 18.64 -5.43
N HIS A 124 0.68 18.04 -4.27
CA HIS A 124 1.39 16.78 -4.20
C HIS A 124 0.98 15.94 -3.01
N ALA A 125 1.68 14.82 -2.82
CA ALA A 125 1.40 13.87 -1.73
C ALA A 125 0.03 13.31 -1.91
N ASP A 126 -0.84 13.52 -0.95
CA ASP A 126 -2.17 12.87 -0.96
C ASP A 126 -2.95 13.38 -2.16
N PHE A 127 -2.66 14.64 -2.55
CA PHE A 127 -3.33 15.20 -3.70
C PHE A 127 -3.18 14.41 -5.01
N THR A 128 -2.11 13.56 -5.09
CA THR A 128 -1.92 12.66 -6.18
C THR A 128 -3.14 11.88 -6.53
N ALA A 129 -3.90 11.41 -5.53
CA ALA A 129 -5.10 10.59 -5.79
C ALA A 129 -6.16 11.32 -6.62
N ILE A 130 -6.37 12.59 -6.26
CA ILE A 130 -7.31 13.43 -7.04
C ILE A 130 -6.78 13.66 -8.43
N GLN A 131 -5.47 13.90 -8.51
CA GLN A 131 -4.83 14.11 -9.83
C GLN A 131 -5.03 12.90 -10.73
N CYS A 132 -4.85 11.70 -10.16
CA CYS A 132 -5.02 10.50 -10.92
C CYS A 132 -6.43 10.31 -11.34
N GLY A 133 -7.34 10.60 -10.41
CA GLY A 133 -8.79 10.56 -10.71
C GLY A 133 -9.15 11.44 -11.92
N LEU A 134 -8.62 12.64 -11.90
CA LEU A 134 -8.80 13.55 -13.04
C LEU A 134 -8.32 12.99 -14.35
N LEU A 135 -7.12 12.37 -14.34
CA LEU A 135 -6.61 11.69 -15.52
C LEU A 135 -7.48 10.53 -15.95
N ALA A 136 -7.89 9.69 -15.02
CA ALA A 136 -8.66 8.54 -15.35
C ALA A 136 -10.01 8.86 -15.96
N HIS A 137 -10.68 9.93 -15.51
CA HIS A 137 -12.00 10.29 -16.02
C HIS A 137 -11.95 11.12 -17.29
N GLY A 138 -10.95 11.95 -17.45
CA GLY A 138 -10.92 12.74 -18.66
C GLY A 138 -9.62 13.31 -19.14
N ASN A 139 -8.49 12.66 -18.83
CA ASN A 139 -7.17 13.12 -19.23
C ASN A 139 -6.91 14.59 -18.85
N VAL A 140 -7.42 15.00 -17.71
CA VAL A 140 -7.21 16.34 -17.21
C VAL A 140 -5.80 16.43 -16.61
N ILE A 141 -5.03 17.39 -17.15
CA ILE A 141 -3.67 17.60 -16.74
C ILE A 141 -3.65 18.53 -15.61
N THR A 142 -2.86 18.20 -14.61
CA THR A 142 -2.70 19.01 -13.38
C THR A 142 -1.26 18.90 -13.00
N PHE A 143 -0.82 19.65 -11.98
CA PHE A 143 0.60 19.80 -11.72
C PHE A 143 0.92 19.15 -10.42
N SER A 144 1.79 18.12 -10.46
CA SER A 144 2.37 17.59 -9.28
C SER A 144 3.55 18.50 -8.90
N GLY A 145 3.37 19.23 -7.83
CA GLY A 145 4.30 20.25 -7.52
C GLY A 145 4.10 20.83 -6.16
N PRO A 146 4.56 22.05 -5.93
CA PRO A 146 4.52 22.53 -4.54
C PRO A 146 3.11 22.84 -3.98
N MET A 147 3.00 22.94 -2.66
CA MET A 147 1.77 23.29 -1.95
C MET A 147 2.00 24.50 -1.04
N LEU A 148 0.90 25.08 -0.55
CA LEU A 148 1.04 26.36 0.13
C LEU A 148 1.87 26.17 1.39
N VAL A 149 1.55 25.17 2.19
CA VAL A 149 2.22 25.06 3.50
C VAL A 149 3.64 24.50 3.34
N ALA A 150 3.76 23.40 2.61
CA ALA A 150 5.02 22.67 2.55
C ALA A 150 6.14 23.49 1.87
N ASN A 151 5.78 24.21 0.79
CA ASN A 151 6.74 24.88 -0.12
C ASN A 151 6.65 26.38 0.02
N PHE A 152 5.52 27.00 -0.33
CA PHE A 152 5.43 28.46 -0.35
C PHE A 152 5.47 29.06 1.04
N GLY A 153 5.04 28.35 2.06
CA GLY A 153 5.14 28.86 3.46
C GLY A 153 6.18 28.23 4.31
N ALA A 154 7.16 27.56 3.67
CA ALA A 154 8.28 26.97 4.39
C ALA A 154 9.17 28.04 5.03
N ASP A 155 10.02 27.61 5.95
CA ASP A 155 10.79 28.54 6.74
C ASP A 155 11.71 29.26 5.74
N GLU A 156 12.26 28.54 4.78
CA GLU A 156 12.90 29.18 3.63
C GLU A 156 12.15 28.79 2.37
N LEU A 157 11.82 29.76 1.55
CA LEU A 157 11.27 29.49 0.23
C LEU A 157 12.41 28.96 -0.63
N ASN A 158 12.29 27.69 -1.04
CA ASN A 158 13.29 27.10 -1.91
C ASN A 158 13.22 27.63 -3.36
N ALA A 159 14.31 28.26 -3.77
CA ALA A 159 14.45 28.87 -5.10
C ALA A 159 14.38 27.86 -6.22
N PHE A 160 14.93 26.67 -5.98
CA PHE A 160 14.93 25.63 -6.98
C PHE A 160 13.47 25.25 -7.26
N THR A 161 12.74 24.98 -6.20
CA THR A 161 11.33 24.63 -6.30
C THR A 161 10.52 25.81 -6.95
N GLU A 162 10.78 27.03 -6.47
CA GLU A 162 10.10 28.24 -6.99
C GLU A 162 10.32 28.44 -8.44
N HIS A 163 11.56 28.23 -8.87
CA HIS A 163 11.93 28.33 -10.26
C HIS A 163 11.20 27.33 -11.13
N HIS A 164 11.15 26.06 -10.69
CA HIS A 164 10.60 24.99 -11.53
C HIS A 164 9.09 25.05 -11.63
N PHE A 165 8.48 25.55 -10.56
CA PHE A 165 7.04 25.85 -10.57
C PHE A 165 6.68 26.85 -11.65
N TRP A 166 7.30 28.02 -11.60
CA TRP A 166 6.98 29.06 -12.57
C TRP A 166 7.46 28.63 -13.93
N LEU A 167 8.54 27.82 -13.98
CA LEU A 167 9.01 27.29 -15.24
C LEU A 167 7.94 26.47 -15.96
N ALA A 168 7.28 25.61 -15.19
CA ALA A 168 6.24 24.74 -15.75
C ALA A 168 4.98 25.55 -16.13
N LEU A 169 4.54 26.42 -15.22
CA LEU A 169 3.27 27.18 -15.49
C LEU A 169 3.33 28.22 -16.59
N ARG A 170 4.54 28.72 -16.88
CA ARG A 170 4.70 29.83 -17.83
C ARG A 170 5.21 29.38 -19.18
N ASN A 171 5.72 28.16 -19.32
CA ASN A 171 6.28 27.78 -20.63
C ASN A 171 5.55 26.63 -21.21
N GLU A 172 5.03 26.77 -22.42
CA GLU A 172 4.30 25.64 -23.00
C GLU A 172 5.20 24.39 -23.30
N THR A 173 6.50 24.61 -23.49
CA THR A 173 7.49 23.56 -23.63
C THR A 173 8.59 23.96 -22.73
N PHE A 174 9.04 23.03 -21.91
CA PHE A 174 10.18 23.27 -21.06
C PHE A 174 10.93 21.94 -20.78
N THR A 175 12.15 22.08 -20.25
CA THR A 175 13.07 21.02 -20.07
C THR A 175 13.63 21.10 -18.67
N ILE A 176 13.59 19.96 -17.97
CA ILE A 176 14.21 19.75 -16.70
C ILE A 176 15.51 19.00 -17.02
N GLU A 177 16.59 19.37 -16.35
CA GLU A 177 17.89 18.72 -16.52
C GLU A 177 18.40 18.32 -15.19
N TRP A 178 19.04 17.17 -15.14
CA TRP A 178 19.68 16.73 -13.89
C TRP A 178 20.60 15.62 -14.26
N GLN A 179 21.44 15.30 -13.32
CA GLN A 179 22.43 14.23 -13.46
C GLN A 179 21.74 12.94 -12.99
N GLY A 180 21.02 12.32 -13.92
CA GLY A 180 20.32 11.09 -13.60
C GLY A 180 21.27 9.91 -13.65
N GLU A 181 20.85 8.80 -13.05
CA GLU A 181 21.63 7.55 -13.06
C GLU A 181 20.78 6.52 -13.75
N GLY A 182 21.33 5.90 -14.77
CA GLY A 182 20.61 4.89 -15.55
C GLY A 182 21.21 4.66 -16.92
N PRO A 183 20.56 3.88 -17.74
CA PRO A 183 21.03 3.69 -19.05
C PRO A 183 20.85 4.91 -19.94
N THR A 184 21.66 4.97 -21.00
CA THR A 184 21.55 6.04 -21.93
C THR A 184 20.39 5.59 -22.80
N CYS A 185 19.46 6.51 -23.06
CA CYS A 185 18.22 6.18 -23.73
C CYS A 185 17.43 7.44 -24.06
N ARG A 186 16.43 7.22 -24.88
CA ARG A 186 15.48 8.19 -25.29
C ARG A 186 14.10 7.54 -25.28
N ALA A 187 13.12 8.16 -24.62
CA ALA A 187 11.74 7.67 -24.64
C ALA A 187 10.75 8.85 -24.63
N GLU A 188 9.63 8.67 -25.28
CA GLU A 188 8.68 9.71 -25.42
C GLU A 188 7.30 9.08 -25.15
N GLY A 189 6.45 9.76 -24.37
CA GLY A 189 5.07 9.29 -24.09
C GLY A 189 4.37 10.16 -23.07
N THR A 190 3.24 9.70 -22.53
CA THR A 190 2.48 10.52 -21.59
C THR A 190 3.26 10.53 -20.27
N LEU A 191 3.52 11.69 -19.72
CA LEU A 191 4.11 11.81 -18.38
C LEU A 191 2.99 11.61 -17.29
N TRP A 192 3.27 10.78 -16.27
CA TRP A 192 2.31 10.57 -15.18
C TRP A 192 3.02 10.09 -13.94
N GLY A 193 2.27 9.92 -12.86
CA GLY A 193 2.77 9.47 -11.58
C GLY A 193 2.43 10.39 -10.44
N GLY A 194 3.43 10.65 -9.62
CA GLY A 194 3.32 11.42 -8.37
C GLY A 194 3.72 10.53 -7.20
N ASN A 195 2.95 10.57 -6.11
CA ASN A 195 3.34 9.87 -4.91
C ASN A 195 3.10 8.36 -5.05
N LEU A 196 4.15 7.57 -4.83
CA LEU A 196 4.08 6.12 -4.91
C LEU A 196 2.95 5.48 -4.06
N ALA A 197 2.89 5.76 -2.77
CA ALA A 197 1.84 5.12 -1.95
C ALA A 197 0.43 5.49 -2.42
N MET A 198 0.26 6.74 -2.86
CA MET A 198 -1.06 7.13 -3.30
C MET A 198 -1.38 6.40 -4.58
N LEU A 199 -0.41 6.29 -5.45
CA LEU A 199 -0.68 5.54 -6.73
C LEU A 199 -1.02 4.06 -6.52
N ILE A 200 -0.32 3.47 -5.59
CA ILE A 200 -0.63 2.06 -5.15
C ILE A 200 -2.06 1.99 -4.61
N SER A 201 -2.43 2.98 -3.79
CA SER A 201 -3.78 3.00 -3.21
C SER A 201 -4.90 2.97 -4.21
N LEU A 202 -4.58 3.26 -5.46
CA LEU A 202 -5.56 3.29 -6.56
C LEU A 202 -5.61 2.06 -7.41
N ILE A 203 -4.69 1.09 -7.22
CA ILE A 203 -4.78 -0.10 -8.08
C ILE A 203 -6.07 -0.85 -7.68
N GLY A 204 -6.76 -1.33 -8.68
CA GLY A 204 -8.01 -1.94 -8.54
C GLY A 204 -9.24 -1.04 -8.61
N THR A 205 -9.08 0.26 -8.57
CA THR A 205 -10.18 1.20 -8.31
C THR A 205 -10.48 1.93 -9.61
N PRO A 206 -11.61 2.65 -9.70
CA PRO A 206 -11.92 3.39 -10.93
C PRO A 206 -11.00 4.55 -11.20
N TRP A 207 -10.18 4.97 -10.23
CA TRP A 207 -9.37 6.19 -10.39
C TRP A 207 -7.92 5.92 -10.83
N MET A 208 -7.55 4.65 -11.10
CA MET A 208 -6.23 4.33 -11.64
C MET A 208 -6.18 4.70 -13.14
N PRO A 209 -5.25 5.55 -13.52
CA PRO A 209 -5.22 5.91 -14.91
C PRO A 209 -4.66 4.77 -15.71
N LYS A 210 -5.24 4.49 -16.86
CA LYS A 210 -4.78 3.40 -17.70
C LYS A 210 -3.75 3.92 -18.72
N ILE A 211 -2.62 4.44 -18.27
CA ILE A 211 -1.64 5.02 -19.20
C ILE A 211 -0.60 3.92 -19.50
N GLU A 212 -0.38 3.67 -20.78
CA GLU A 212 0.71 2.81 -21.23
C GLU A 212 1.71 3.59 -22.08
N ASN A 213 2.93 3.07 -22.16
CA ASN A 213 3.98 3.62 -23.00
C ASN A 213 4.29 5.02 -22.60
N GLY A 214 4.31 5.21 -21.28
CA GLY A 214 4.50 6.50 -20.68
C GLY A 214 5.84 6.60 -20.01
N ILE A 215 6.01 7.74 -19.39
CA ILE A 215 7.20 8.07 -18.57
C ILE A 215 6.60 8.27 -17.20
N LEU A 216 6.89 7.32 -16.31
CA LEU A 216 6.19 7.19 -15.10
C LEU A 216 7.14 7.62 -14.05
N VAL A 217 6.75 8.66 -13.31
CA VAL A 217 7.67 9.35 -12.34
C VAL A 217 7.12 9.14 -10.93
N LEU A 218 7.95 8.65 -10.00
CA LEU A 218 7.47 8.21 -8.72
C LEU A 218 8.34 8.82 -7.64
N GLU A 219 7.73 9.09 -6.50
CA GLU A 219 8.45 9.64 -5.32
C GLU A 219 7.77 9.15 -4.07
N ASP A 220 8.53 9.11 -2.99
CA ASP A 220 7.98 8.83 -1.68
C ASP A 220 9.10 9.01 -0.66
N ILE A 221 9.23 10.20 -0.13
CA ILE A 221 10.44 10.53 0.64
C ILE A 221 10.29 10.04 2.10
N ASN A 222 9.05 9.76 2.51
CA ASN A 222 8.76 9.09 3.78
C ASN A 222 9.48 7.71 3.98
N GLU A 223 9.14 6.76 3.10
CA GLU A 223 9.08 5.34 3.41
C GLU A 223 10.37 4.62 3.59
N HIS A 224 10.28 3.53 4.32
CA HIS A 224 11.37 2.57 4.53
C HIS A 224 11.60 1.90 3.19
N PRO A 225 12.89 1.65 2.86
CA PRO A 225 13.22 0.99 1.59
C PRO A 225 12.39 -0.23 1.23
N PHE A 226 12.14 -1.12 2.21
CA PHE A 226 11.42 -2.38 1.98
C PHE A 226 9.99 -2.09 1.51
N ARG A 227 9.37 -1.08 2.13
CA ARG A 227 8.08 -0.62 1.69
C ARG A 227 8.13 -0.02 0.30
N VAL A 228 9.14 0.81 0.04
CA VAL A 228 9.29 1.30 -1.34
C VAL A 228 9.35 0.11 -2.27
N GLU A 229 10.21 -0.86 -1.94
CA GLU A 229 10.34 -2.04 -2.79
C GLU A 229 9.08 -2.80 -2.99
N ARG A 230 8.40 -3.10 -1.88
CA ARG A 230 7.09 -3.76 -1.95
C ARG A 230 6.09 -3.07 -2.87
N MET A 231 6.05 -1.76 -2.81
CA MET A 231 5.19 -0.97 -3.72
C MET A 231 5.64 -0.97 -5.17
N LEU A 232 6.92 -0.77 -5.39
CA LEU A 232 7.43 -0.91 -6.81
C LEU A 232 7.14 -2.25 -7.41
N LEU A 233 7.28 -3.30 -6.57
CA LEU A 233 6.98 -4.67 -7.01
C LEU A 233 5.59 -4.91 -7.37
N GLN A 234 4.69 -4.30 -6.59
CA GLN A 234 3.30 -4.40 -6.88
C GLN A 234 3.03 -3.73 -8.22
N LEU A 235 3.57 -2.54 -8.39
CA LEU A 235 3.45 -1.91 -9.73
C LEU A 235 3.97 -2.80 -10.85
N TYR A 236 5.13 -3.44 -10.60
CA TYR A 236 5.65 -4.44 -11.52
C TYR A 236 4.69 -5.55 -11.79
N HIS A 237 4.28 -6.30 -10.76
CA HIS A 237 3.44 -7.50 -10.94
C HIS A 237 2.00 -7.28 -11.26
N ALA A 238 1.50 -6.06 -11.00
CA ALA A 238 0.22 -5.67 -11.54
C ALA A 238 0.26 -5.29 -13.01
N GLY A 239 1.47 -5.21 -13.57
CA GLY A 239 1.63 -4.95 -14.97
C GLY A 239 1.67 -3.49 -15.34
N ILE A 240 1.83 -2.61 -14.35
CA ILE A 240 1.90 -1.19 -14.64
C ILE A 240 3.32 -0.84 -15.11
N LEU A 241 4.34 -1.06 -14.29
CA LEU A 241 5.70 -0.65 -14.68
C LEU A 241 6.12 -1.16 -16.08
N PRO A 242 5.93 -2.45 -16.37
CA PRO A 242 6.53 -2.92 -17.64
C PRO A 242 5.81 -2.45 -18.88
N ARG A 243 4.65 -1.87 -18.73
CA ARG A 243 3.93 -1.36 -19.83
C ARG A 243 4.32 0.07 -20.17
N GLN A 244 5.23 0.69 -19.41
CA GLN A 244 5.64 2.02 -19.66
C GLN A 244 6.86 1.98 -20.61
N LYS A 245 7.29 3.14 -21.10
CA LYS A 245 8.56 3.24 -21.83
C LYS A 245 9.71 3.52 -20.90
N ALA A 246 9.46 4.17 -19.77
CA ALA A 246 10.54 4.38 -18.84
C ALA A 246 10.02 4.77 -17.49
N ILE A 247 10.86 4.56 -16.47
CA ILE A 247 10.45 4.85 -15.13
C ILE A 247 11.47 5.80 -14.57
N ILE A 248 11.03 6.91 -13.95
CA ILE A 248 11.94 7.89 -13.29
C ILE A 248 11.55 7.87 -11.86
N LEU A 249 12.58 7.80 -11.03
CA LEU A 249 12.41 7.86 -9.62
C LEU A 249 12.94 9.18 -9.10
N GLY A 250 12.10 9.84 -8.27
CA GLY A 250 12.33 11.17 -7.77
C GLY A 250 12.92 11.00 -6.37
N SER A 251 12.47 11.81 -5.43
CA SER A 251 13.01 11.77 -4.08
C SER A 251 12.44 10.64 -3.27
N PHE A 252 13.36 9.84 -2.73
CA PHE A 252 13.13 8.78 -1.76
C PHE A 252 14.24 8.89 -0.71
N SER A 253 13.96 8.78 0.59
CA SER A 253 15.00 8.49 1.62
C SER A 253 14.45 7.65 2.77
N GLY A 263 22.98 -5.10 5.33
CA GLY A 263 23.15 -3.91 4.47
C GLY A 263 22.14 -3.82 3.34
N TYR A 264 20.91 -3.44 3.69
CA TYR A 264 19.79 -3.35 2.74
C TYR A 264 19.23 -1.91 2.73
N ASN A 265 19.43 -1.22 1.61
CA ASN A 265 19.10 0.20 1.48
C ASN A 265 18.42 0.47 0.12
N LEU A 266 18.25 1.76 -0.25
CA LEU A 266 17.59 2.10 -1.51
C LEU A 266 18.28 1.59 -2.77
N GLU A 267 19.59 1.52 -2.75
CA GLU A 267 20.36 0.94 -3.93
C GLU A 267 19.97 -0.50 -4.20
N SER A 268 19.73 -1.28 -3.15
CA SER A 268 19.25 -2.66 -3.34
C SER A 268 17.92 -2.69 -4.03
N VAL A 269 17.05 -1.73 -3.67
CA VAL A 269 15.71 -1.62 -4.23
C VAL A 269 15.80 -1.27 -5.67
N TYR A 270 16.57 -0.24 -6.00
CA TYR A 270 16.78 0.09 -7.48
C TYR A 270 17.31 -1.10 -8.29
N ALA A 271 18.34 -1.72 -7.74
CA ALA A 271 18.96 -2.95 -8.37
C ALA A 271 18.01 -4.10 -8.58
N PHE A 272 17.18 -4.38 -7.55
CA PHE A 272 16.22 -5.44 -7.70
C PHE A 272 15.18 -5.07 -8.68
N LEU A 273 14.64 -3.85 -8.56
CA LEU A 273 13.68 -3.48 -9.63
C LEU A 273 14.26 -3.52 -11.03
N ARG A 274 15.44 -2.98 -11.18
CA ARG A 274 16.13 -3.04 -12.51
C ARG A 274 16.31 -4.46 -13.03
N SER A 275 16.57 -5.38 -12.10
CA SER A 275 16.64 -6.84 -12.45
C SER A 275 15.33 -7.40 -12.98
N ARG A 276 14.20 -6.74 -12.68
CA ARG A 276 12.92 -7.18 -13.18
C ARG A 276 12.53 -6.53 -14.49
N LEU A 277 13.06 -5.32 -14.74
CA LEU A 277 12.60 -4.47 -15.84
C LEU A 277 13.44 -4.60 -17.10
N SER A 278 12.74 -4.57 -18.25
CA SER A 278 13.41 -4.48 -19.52
C SER A 278 13.38 -3.05 -20.13
N ILE A 279 12.82 -2.09 -19.38
CA ILE A 279 12.76 -0.68 -19.72
C ILE A 279 13.69 0.09 -18.80
N PRO A 280 14.18 1.23 -19.25
CA PRO A 280 15.06 2.06 -18.39
C PRO A 280 14.39 2.55 -17.11
N LEU A 281 15.16 2.58 -16.02
CA LEU A 281 14.78 3.14 -14.78
C LEU A 281 15.86 4.12 -14.41
N ILE A 282 15.50 5.40 -14.34
CA ILE A 282 16.46 6.46 -14.09
C ILE A 282 16.23 7.00 -12.72
N THR A 283 17.27 7.20 -11.95
CA THR A 283 17.14 7.81 -10.62
C THR A 283 17.72 9.24 -10.52
N GLY A 284 17.46 9.90 -9.42
CA GLY A 284 18.18 11.16 -9.11
C GLY A 284 17.41 12.47 -9.29
N LEU A 285 16.19 12.41 -9.77
CA LEU A 285 15.39 13.63 -9.93
C LEU A 285 14.94 14.17 -8.61
N ASP A 286 15.04 15.48 -8.44
CA ASP A 286 14.53 16.11 -7.28
C ASP A 286 13.03 16.30 -7.48
N PHE A 287 12.22 15.48 -6.83
CA PHE A 287 10.79 15.46 -7.04
C PHE A 287 10.09 14.78 -5.87
N GLY A 288 9.09 15.47 -5.31
CA GLY A 288 8.35 14.96 -4.21
C GLY A 288 8.21 15.97 -3.13
N HIS A 289 8.49 15.55 -1.89
CA HIS A 289 8.27 16.34 -0.65
C HIS A 289 9.57 16.91 -0.09
N GLU A 290 10.69 16.81 -0.82
CA GLU A 290 11.91 17.50 -0.38
C GLU A 290 11.70 18.98 -0.64
N GLN A 291 12.45 19.82 0.04
CA GLN A 291 12.37 21.28 -0.19
C GLN A 291 12.69 21.62 -1.64
N ARG A 292 13.53 20.80 -2.30
CA ARG A 292 13.70 20.85 -3.73
C ARG A 292 12.77 19.86 -4.45
N THR A 293 11.85 20.37 -5.26
CA THR A 293 11.05 19.52 -6.08
C THR A 293 10.79 20.24 -7.37
N VAL A 294 10.84 19.51 -8.43
CA VAL A 294 10.35 20.07 -9.71
C VAL A 294 8.87 20.01 -9.74
N THR A 295 8.28 20.56 -10.80
CA THR A 295 6.85 20.53 -10.97
C THR A 295 6.60 19.80 -12.25
N LEU A 296 5.69 18.83 -12.20
CA LEU A 296 5.45 17.94 -13.33
C LEU A 296 3.99 17.91 -13.71
N PRO A 297 3.70 18.27 -14.96
CA PRO A 297 2.36 18.23 -15.45
C PRO A 297 1.95 16.81 -15.86
N LEU A 298 1.20 16.18 -14.94
CA LEU A 298 0.72 14.88 -15.08
C LEU A 298 -0.32 14.85 -16.18
N GLY A 299 -0.06 13.97 -17.14
CA GLY A 299 -0.93 13.81 -18.35
C GLY A 299 -0.33 14.55 -19.54
N ALA A 300 0.72 15.35 -19.31
CA ALA A 300 1.41 16.02 -20.48
C ALA A 300 2.30 15.05 -21.29
N HIS A 301 2.84 15.54 -22.38
CA HIS A 301 3.75 14.80 -23.24
C HIS A 301 5.15 15.07 -22.79
N ALA A 302 5.98 14.03 -22.74
CA ALA A 302 7.34 14.17 -22.33
C ALA A 302 8.28 13.33 -23.20
N ILE A 303 9.49 13.87 -23.33
CA ILE A 303 10.61 13.24 -24.00
C ILE A 303 11.70 13.18 -22.98
N LEU A 304 12.15 11.95 -22.73
CA LEU A 304 13.21 11.71 -21.77
C LEU A 304 14.46 11.40 -22.60
N ASN A 305 15.57 11.98 -22.24
CA ASN A 305 16.80 11.77 -23.02
C ASN A 305 17.82 11.68 -21.97
N ASN A 306 18.45 10.51 -21.83
CA ASN A 306 19.53 10.35 -20.84
C ASN A 306 20.79 9.97 -21.59
N THR A 307 21.86 10.70 -21.33
CA THR A 307 23.15 10.49 -22.00
C THR A 307 24.21 10.63 -20.96
N ARG A 308 25.47 10.38 -21.36
CA ARG A 308 26.62 10.48 -20.46
C ARG A 308 26.80 11.88 -19.92
N GLU A 309 26.31 12.86 -20.66
CA GLU A 309 26.37 14.24 -20.22
C GLU A 309 25.30 14.58 -19.14
N GLY A 310 24.23 13.80 -19.05
CA GLY A 310 23.18 14.03 -18.02
C GLY A 310 21.82 13.79 -18.62
N THR A 311 20.79 14.18 -17.88
CA THR A 311 19.43 13.81 -18.20
C THR A 311 18.56 14.99 -18.50
N GLN A 312 17.67 14.84 -19.48
CA GLN A 312 16.78 15.90 -19.90
C GLN A 312 15.38 15.37 -19.95
N LEU A 313 14.41 16.13 -19.44
CA LEU A 313 13.02 15.77 -19.66
C LEU A 313 12.36 16.95 -20.30
N THR A 314 11.81 16.78 -21.49
CA THR A 314 11.16 17.86 -22.20
C THR A 314 9.67 17.66 -22.24
N ILE A 315 8.93 18.62 -21.71
CA ILE A 315 7.55 18.44 -21.39
C ILE A 315 6.71 19.49 -22.12
N SER A 316 5.62 19.03 -22.74
CA SER A 316 4.76 19.89 -23.48
C SER A 316 3.32 19.43 -23.45
N GLY A 317 2.41 20.35 -23.73
CA GLY A 317 1.01 20.03 -23.93
C GLY A 317 0.16 20.39 -22.75
N HIS A 318 0.80 20.80 -21.66
CA HIS A 318 0.09 21.15 -20.52
C HIS A 318 -0.48 22.60 -20.70
N PRO A 319 -1.52 22.94 -19.96
CA PRO A 319 -2.02 24.30 -19.89
C PRO A 319 -1.09 25.22 -19.11
N VAL A 320 -1.04 26.47 -19.54
CA VAL A 320 -0.09 27.47 -18.98
C VAL A 320 -0.82 28.77 -18.62
N LEU A 321 -0.09 29.62 -17.88
CA LEU A 321 -0.49 30.98 -17.72
C LEU A 321 -0.52 31.66 -19.10
N LYS A 322 -1.62 32.33 -19.40
CA LYS A 322 -1.94 32.91 -20.73
C LYS A 322 -1.34 34.30 -20.84
N MET A 323 -0.89 34.62 -22.04
CA MET A 323 -0.30 35.94 -22.34
C MET A 323 -0.81 36.33 -23.70
N HIS B 19 -0.23 -31.37 21.18
CA HIS B 19 0.59 -32.56 21.60
C HIS B 19 2.00 -32.51 21.01
N MET B 20 2.89 -33.42 21.37
CA MET B 20 4.32 -33.32 20.93
C MET B 20 4.46 -33.51 19.43
N SER B 21 5.12 -32.54 18.82
CA SER B 21 5.06 -32.37 17.38
C SER B 21 6.45 -32.12 16.82
N LEU B 22 6.51 -32.22 15.51
CA LEU B 22 7.66 -31.87 14.72
C LEU B 22 7.40 -30.49 14.03
N PHE B 23 8.30 -29.57 14.26
CA PHE B 23 8.24 -28.23 13.67
C PHE B 23 9.34 -28.21 12.62
N HIS B 24 9.07 -27.68 11.43
CA HIS B 24 10.09 -27.52 10.41
C HIS B 24 10.15 -26.04 10.11
N LEU B 25 11.32 -25.40 10.30
CA LEU B 25 11.39 -23.98 10.25
C LEU B 25 11.60 -23.56 8.82
N ILE B 26 10.92 -22.47 8.41
CA ILE B 26 11.22 -21.77 7.17
C ILE B 26 11.44 -20.27 7.41
N ALA B 27 12.34 -19.67 6.62
CA ALA B 27 12.66 -18.24 6.74
C ALA B 27 12.69 -17.55 5.39
N PRO B 28 11.54 -17.50 4.70
CA PRO B 28 11.51 -16.79 3.41
C PRO B 28 11.57 -15.28 3.59
N SER B 29 11.35 -14.82 4.82
CA SER B 29 11.29 -13.42 5.10
C SER B 29 12.36 -13.09 6.12
N GLY B 30 12.78 -11.83 6.10
CA GLY B 30 13.87 -11.33 6.95
C GLY B 30 15.20 -11.71 6.36
N GLN B 35 18.23 -12.89 16.54
CA GLN B 35 18.65 -14.29 16.61
C GLN B 35 18.60 -14.96 18.02
N HIS B 36 18.85 -14.18 19.07
CA HIS B 36 18.56 -14.50 20.48
C HIS B 36 17.16 -15.09 20.75
N ALA B 37 16.16 -14.43 20.21
CA ALA B 37 14.75 -14.78 20.41
C ALA B 37 14.42 -16.04 19.61
N ALA B 38 15.15 -16.27 18.52
CA ALA B 38 14.93 -17.40 17.65
C ALA B 38 15.42 -18.71 18.38
N LEU B 39 16.54 -18.62 19.10
CA LEU B 39 17.09 -19.76 19.80
C LEU B 39 16.28 -19.98 21.06
N ARG B 40 15.76 -18.91 21.64
CA ARG B 40 14.89 -19.01 22.78
C ARG B 40 13.58 -19.69 22.40
N GLY B 41 13.07 -19.38 21.22
CA GLY B 41 11.85 -20.06 20.71
C GLY B 41 12.06 -21.55 20.44
N ILE B 42 13.18 -21.86 19.79
CA ILE B 42 13.59 -23.29 19.60
C ILE B 42 13.71 -24.01 20.95
N GLN B 43 14.41 -23.37 21.89
CA GLN B 43 14.52 -23.92 23.21
C GLN B 43 13.17 -24.16 23.88
N ARG B 44 12.25 -23.18 23.85
CA ARG B 44 10.96 -23.41 24.42
C ARG B 44 10.24 -24.58 23.76
N LEU B 45 10.34 -24.70 22.45
CA LEU B 45 9.64 -25.82 21.78
C LEU B 45 10.26 -27.24 22.10
N THR B 46 11.59 -27.31 22.11
CA THR B 46 12.28 -28.55 22.35
C THR B 46 12.15 -28.91 23.83
N ASP B 47 12.28 -27.96 24.75
CA ASP B 47 11.95 -28.26 26.17
C ASP B 47 10.55 -28.78 26.46
N ALA B 48 9.57 -28.36 25.69
CA ALA B 48 8.21 -28.85 25.84
C ALA B 48 8.02 -30.27 25.22
N GLY B 49 9.02 -30.76 24.49
CA GLY B 49 9.01 -32.09 23.95
C GLY B 49 8.75 -32.13 22.44
N HIS B 50 8.59 -30.98 21.79
CA HIS B 50 8.51 -30.96 20.32
C HIS B 50 9.87 -31.13 19.75
N GLN B 51 9.92 -31.45 18.48
CA GLN B 51 11.18 -31.46 17.81
C GLN B 51 11.18 -30.42 16.69
N VAL B 52 12.39 -29.95 16.40
CA VAL B 52 12.58 -28.91 15.38
C VAL B 52 13.62 -29.37 14.39
N ASN B 53 13.21 -29.60 13.14
CA ASN B 53 14.05 -29.60 11.93
C ASN B 53 14.31 -28.23 11.28
N ASN B 54 15.41 -28.23 10.53
CA ASN B 54 15.86 -27.12 9.73
C ASN B 54 16.33 -26.09 10.69
N VAL B 55 16.87 -26.48 11.84
CA VAL B 55 17.36 -25.46 12.79
C VAL B 55 18.46 -24.58 12.15
N GLU B 56 19.03 -25.04 11.03
CA GLU B 56 20.07 -24.31 10.29
C GLU B 56 19.59 -23.07 9.47
N VAL B 57 18.27 -22.87 9.28
CA VAL B 57 17.82 -21.62 8.65
C VAL B 57 18.15 -20.39 9.50
N ILE B 58 18.49 -20.57 10.79
CA ILE B 58 18.96 -19.45 11.66
C ILE B 58 20.48 -19.11 11.50
N ALA B 59 21.12 -19.55 10.40
CA ALA B 59 22.57 -19.39 10.17
C ALA B 59 22.99 -18.38 9.06
N ARG B 60 22.23 -18.32 7.96
CA ARG B 60 22.70 -17.87 6.63
C ARG B 60 23.17 -16.40 6.45
N ARG B 61 22.30 -15.45 6.78
CA ARG B 61 22.54 -14.00 6.65
C ARG B 61 23.78 -13.60 5.82
N GLY B 67 18.94 -15.39 4.25
CA GLY B 67 20.01 -15.57 3.25
C GLY B 67 19.68 -15.03 1.86
N THR B 68 20.32 -15.60 0.84
CA THR B 68 20.09 -15.21 -0.55
C THR B 68 18.72 -15.65 -1.07
N GLU B 69 18.27 -14.99 -2.11
CA GLU B 69 16.99 -15.29 -2.77
C GLU B 69 16.85 -16.81 -2.93
N THR B 70 17.86 -17.43 -3.56
CA THR B 70 17.82 -18.84 -4.00
C THR B 70 17.48 -19.80 -2.86
N GLU B 71 18.11 -19.58 -1.71
CA GLU B 71 17.91 -20.41 -0.53
C GLU B 71 16.58 -20.16 0.21
N ARG B 72 16.16 -18.88 0.24
CA ARG B 72 14.85 -18.51 0.76
C ARG B 72 13.82 -19.09 -0.16
N LEU B 73 14.12 -19.11 -1.45
CA LEU B 73 13.23 -19.79 -2.40
C LEU B 73 13.08 -21.31 -2.09
N GLU B 74 14.22 -21.98 -1.91
CA GLU B 74 14.30 -23.40 -1.62
C GLU B 74 13.67 -23.77 -0.28
N ASP B 75 13.78 -22.94 0.76
CA ASP B 75 12.92 -23.13 1.95
C ASP B 75 11.49 -23.53 1.61
N LEU B 76 10.94 -22.86 0.61
CA LEU B 76 9.55 -23.01 0.22
C LEU B 76 9.37 -24.14 -0.76
N ASN B 77 10.14 -24.15 -1.84
CA ASN B 77 9.92 -25.11 -2.95
C ASN B 77 10.21 -26.53 -2.48
N SER B 78 11.18 -26.68 -1.58
CA SER B 78 11.49 -28.01 -1.06
C SER B 78 10.42 -28.60 -0.14
N LEU B 79 9.42 -27.79 0.29
CA LEU B 79 8.31 -28.28 1.11
C LEU B 79 7.48 -29.31 0.35
N ALA B 80 7.47 -29.17 -0.95
CA ALA B 80 6.83 -30.17 -1.82
C ALA B 80 7.40 -31.66 -1.66
N ARG B 81 8.58 -31.80 -1.06
CA ARG B 81 9.21 -33.12 -0.78
C ARG B 81 9.41 -33.43 0.74
N LEU B 82 8.85 -32.59 1.62
CA LEU B 82 8.81 -32.85 3.07
C LEU B 82 7.52 -33.61 3.35
N THR B 83 7.65 -34.93 3.55
CA THR B 83 6.48 -35.80 3.65
C THR B 83 6.29 -36.48 5.00
N THR B 84 7.14 -36.22 6.00
CA THR B 84 6.85 -36.66 7.40
C THR B 84 5.45 -36.16 7.77
N PRO B 85 4.52 -37.07 8.21
CA PRO B 85 3.14 -36.54 8.40
C PRO B 85 3.02 -35.64 9.67
N ASN B 86 1.90 -34.97 9.79
CA ASN B 86 1.70 -34.08 10.93
C ASN B 86 2.90 -33.11 11.13
N THR B 87 3.54 -32.62 10.08
CA THR B 87 4.65 -31.69 10.27
C THR B 87 4.11 -30.23 10.34
N ILE B 88 4.55 -29.45 11.33
CA ILE B 88 4.18 -28.03 11.45
C ILE B 88 5.31 -27.20 10.85
N VAL B 89 5.05 -26.58 9.71
CA VAL B 89 5.98 -25.66 9.08
C VAL B 89 5.71 -24.29 9.68
N LEU B 90 6.70 -23.79 10.42
CA LEU B 90 6.61 -22.57 11.13
C LEU B 90 7.57 -21.51 10.54
N ALA B 91 6.98 -20.36 10.15
CA ALA B 91 7.75 -19.24 9.64
C ALA B 91 8.46 -18.69 10.85
N VAL B 92 9.71 -18.30 10.66
CA VAL B 92 10.55 -17.78 11.73
C VAL B 92 10.22 -16.33 12.13
N ARG B 93 10.19 -15.48 11.12
CA ARG B 93 9.85 -14.07 11.28
C ARG B 93 9.09 -13.66 10.03
N GLY B 94 8.45 -12.53 10.11
CA GLY B 94 7.60 -12.15 8.98
C GLY B 94 7.93 -10.74 8.55
N GLY B 95 9.21 -10.38 8.55
CA GLY B 95 9.67 -9.11 8.03
C GLY B 95 9.78 -9.24 6.53
N TYR B 96 10.22 -8.21 5.88
CA TYR B 96 10.23 -8.18 4.41
C TYR B 96 11.01 -9.37 3.70
N GLY B 97 10.54 -9.82 2.54
CA GLY B 97 11.32 -10.75 1.77
C GLY B 97 10.46 -11.54 0.81
N ALA B 98 9.26 -11.87 1.20
CA ALA B 98 8.45 -12.79 0.42
C ALA B 98 8.11 -12.23 -0.92
N SER B 99 7.91 -10.92 -0.95
CA SER B 99 7.56 -10.21 -2.16
C SER B 99 8.52 -10.47 -3.30
N ARG B 100 9.79 -10.54 -2.97
CA ARG B 100 10.82 -10.91 -3.96
C ARG B 100 10.64 -12.30 -4.60
N LEU B 101 9.89 -13.22 -3.95
CA LEU B 101 9.97 -14.64 -4.28
C LEU B 101 8.82 -15.13 -5.03
N LEU B 102 7.73 -14.35 -5.09
CA LEU B 102 6.40 -14.89 -5.38
C LEU B 102 6.36 -15.44 -6.79
N ALA B 103 6.99 -14.76 -7.71
CA ALA B 103 7.00 -15.15 -9.15
C ALA B 103 7.87 -16.43 -9.39
N ASP B 104 8.74 -16.78 -8.47
CA ASP B 104 9.61 -17.98 -8.61
C ASP B 104 9.15 -19.20 -7.78
N ILE B 105 8.10 -19.05 -6.98
CA ILE B 105 7.63 -20.14 -6.12
C ILE B 105 6.85 -21.15 -6.99
N ASP B 106 7.08 -22.42 -6.71
CA ASP B 106 6.52 -23.50 -7.49
C ASP B 106 5.17 -23.80 -6.85
N TRP B 107 4.22 -22.90 -7.10
CA TRP B 107 2.92 -22.93 -6.51
C TRP B 107 2.21 -24.25 -6.79
N GLN B 108 2.28 -24.74 -8.03
CA GLN B 108 1.60 -26.02 -8.35
C GLN B 108 2.16 -27.20 -7.56
N ALA B 109 3.47 -27.27 -7.40
CA ALA B 109 4.07 -28.35 -6.64
C ALA B 109 3.61 -28.25 -5.16
N LEU B 110 3.45 -27.03 -4.62
CA LEU B 110 2.95 -26.88 -3.24
C LEU B 110 1.47 -27.24 -3.12
N VAL B 111 0.66 -26.78 -4.05
CA VAL B 111 -0.75 -27.15 -4.07
C VAL B 111 -0.93 -28.71 -4.05
N ALA B 112 -0.17 -29.35 -4.97
CA ALA B 112 -0.10 -30.84 -5.11
C ALA B 112 0.34 -31.50 -3.82
N ARG B 113 1.44 -31.06 -3.21
CA ARG B 113 1.84 -31.56 -1.91
C ARG B 113 0.72 -31.57 -0.87
N GLN B 114 -0.07 -30.52 -0.81
CA GLN B 114 -1.03 -30.30 0.28
C GLN B 114 -2.33 -31.08 0.11
N GLN B 115 -2.51 -31.77 -1.03
CA GLN B 115 -3.72 -32.61 -1.20
C GLN B 115 -3.70 -33.88 -0.34
N HIS B 116 -2.51 -34.34 0.07
CA HIS B 116 -2.40 -35.53 0.90
C HIS B 116 -1.51 -35.32 2.15
N ASP B 117 -2.02 -35.67 3.32
CA ASP B 117 -1.31 -35.49 4.57
C ASP B 117 -0.61 -34.13 4.53
N PRO B 118 -1.42 -33.04 4.39
CA PRO B 118 -0.84 -31.77 4.13
C PRO B 118 0.03 -31.35 5.33
N LEU B 119 1.03 -30.57 5.02
CA LEU B 119 1.79 -29.80 6.01
C LEU B 119 0.84 -28.80 6.76
N LEU B 120 1.17 -28.42 8.00
CA LEU B 120 0.40 -27.50 8.72
C LEU B 120 1.24 -26.23 8.77
N ILE B 121 0.97 -25.28 7.89
CA ILE B 121 1.89 -24.19 7.65
C ILE B 121 1.38 -22.98 8.41
N CYS B 122 2.21 -22.42 9.29
CA CYS B 122 1.81 -21.37 10.13
C CYS B 122 2.82 -20.19 10.03
N GLY B 123 2.29 -19.01 9.80
CA GLY B 123 3.03 -17.73 9.95
C GLY B 123 2.12 -16.48 9.99
N HIS B 124 2.70 -15.29 10.03
CA HIS B 124 1.95 -14.03 9.90
C HIS B 124 2.84 -12.92 9.30
N ALA B 125 2.30 -11.71 9.26
CA ALA B 125 2.95 -10.59 8.74
C ALA B 125 3.29 -10.79 7.29
N ASP B 126 4.56 -10.71 6.93
CA ASP B 126 5.00 -10.89 5.52
C ASP B 126 4.60 -12.18 4.95
N PHE B 127 4.49 -13.19 5.82
CA PHE B 127 4.05 -14.51 5.39
C PHE B 127 2.68 -14.60 4.75
N THR B 128 1.78 -13.64 5.09
CA THR B 128 0.50 -13.51 4.41
C THR B 128 0.55 -13.65 2.90
N ALA B 129 1.58 -13.06 2.29
CA ALA B 129 1.70 -13.13 0.84
C ALA B 129 1.79 -14.57 0.27
N ILE B 130 2.54 -15.41 0.96
CA ILE B 130 2.68 -16.83 0.53
C ILE B 130 1.32 -17.56 0.73
N GLN B 131 0.73 -17.22 1.86
CA GLN B 131 -0.54 -17.79 2.24
C GLN B 131 -1.58 -17.42 1.20
N CYS B 132 -1.52 -16.15 0.75
CA CYS B 132 -2.40 -15.74 -0.25
C CYS B 132 -2.15 -16.39 -1.55
N GLY B 133 -0.88 -16.51 -1.94
CA GLY B 133 -0.52 -17.17 -3.21
C GLY B 133 -1.03 -18.60 -3.24
N LEU B 134 -0.88 -19.27 -2.12
CA LEU B 134 -1.46 -20.62 -2.02
C LEU B 134 -2.97 -20.73 -2.20
N LEU B 135 -3.69 -19.79 -1.59
CA LEU B 135 -5.11 -19.67 -1.79
C LEU B 135 -5.45 -19.36 -3.24
N ALA B 136 -4.73 -18.42 -3.83
CA ALA B 136 -4.95 -18.03 -5.23
C ALA B 136 -4.74 -19.22 -6.14
N HIS B 137 -3.70 -20.03 -5.88
CA HIS B 137 -3.41 -21.19 -6.72
C HIS B 137 -4.19 -22.43 -6.45
N GLY B 138 -4.68 -22.67 -5.25
CA GLY B 138 -5.39 -23.93 -4.99
C GLY B 138 -6.29 -24.06 -3.80
N ASN B 139 -6.77 -22.97 -3.24
CA ASN B 139 -7.60 -23.04 -2.02
C ASN B 139 -6.90 -23.92 -0.91
N VAL B 140 -5.58 -23.75 -0.80
CA VAL B 140 -4.76 -24.48 0.13
C VAL B 140 -4.84 -23.72 1.42
N ILE B 141 -5.31 -24.41 2.46
CA ILE B 141 -5.53 -23.76 3.73
C ILE B 141 -4.22 -23.67 4.48
N THR B 142 -3.96 -22.57 5.18
CA THR B 142 -2.72 -22.41 5.98
C THR B 142 -3.14 -21.62 7.13
N PHE B 143 -2.23 -21.39 8.09
CA PHE B 143 -2.64 -20.75 9.32
C PHE B 143 -1.94 -19.46 9.56
N SER B 144 -2.72 -18.41 9.86
CA SER B 144 -2.20 -17.10 10.16
C SER B 144 -2.12 -17.10 11.67
N GLY B 145 -0.94 -17.18 12.21
CA GLY B 145 -0.82 -17.24 13.64
C GLY B 145 0.60 -17.06 14.04
N PRO B 146 0.98 -17.59 15.22
CA PRO B 146 2.34 -17.27 15.74
C PRO B 146 3.54 -17.73 14.86
N MET B 147 4.67 -17.09 15.09
CA MET B 147 5.90 -17.39 14.42
C MET B 147 6.95 -17.59 15.50
N LEU B 148 8.08 -18.13 15.09
CA LEU B 148 9.09 -18.55 16.05
C LEU B 148 9.59 -17.40 16.91
N VAL B 149 9.95 -16.31 16.25
CA VAL B 149 10.68 -15.25 16.98
C VAL B 149 9.74 -14.39 17.83
N ALA B 150 8.64 -13.95 17.22
CA ALA B 150 7.76 -12.98 17.84
C ALA B 150 6.95 -13.59 18.95
N ASN B 151 6.55 -14.86 18.78
CA ASN B 151 5.64 -15.51 19.70
C ASN B 151 6.33 -16.50 20.57
N PHE B 152 6.95 -17.50 19.98
CA PHE B 152 7.49 -18.61 20.80
C PHE B 152 8.75 -18.19 21.51
N GLY B 153 9.45 -17.18 20.97
CA GLY B 153 10.69 -16.65 21.58
C GLY B 153 10.60 -15.33 22.30
N ALA B 154 9.38 -14.85 22.59
CA ALA B 154 9.17 -13.61 23.37
C ALA B 154 9.64 -13.82 24.83
N ASP B 155 9.59 -12.76 25.65
CA ASP B 155 9.94 -12.87 27.07
C ASP B 155 9.20 -13.95 27.83
N GLU B 156 7.94 -14.14 27.47
CA GLU B 156 7.15 -15.20 28.02
C GLU B 156 6.32 -15.73 26.89
N LEU B 157 6.01 -17.02 26.92
CA LEU B 157 5.05 -17.55 25.98
C LEU B 157 3.66 -17.14 26.49
N ASN B 158 2.92 -16.41 25.66
CA ASN B 158 1.61 -15.90 26.02
C ASN B 158 0.63 -17.06 25.95
N ALA B 159 -0.03 -17.28 27.08
CA ALA B 159 -0.90 -18.38 27.28
C ALA B 159 -2.12 -18.34 26.36
N PHE B 160 -2.63 -17.14 26.10
CA PHE B 160 -3.76 -16.97 25.24
C PHE B 160 -3.37 -17.45 23.81
N THR B 161 -2.27 -16.91 23.31
CA THR B 161 -1.78 -17.30 22.00
C THR B 161 -1.48 -18.82 21.89
N GLU B 162 -0.79 -19.32 22.89
CA GLU B 162 -0.54 -20.79 23.02
C GLU B 162 -1.80 -21.61 22.91
N HIS B 163 -2.79 -21.29 23.75
CA HIS B 163 -4.05 -21.99 23.77
C HIS B 163 -4.67 -21.94 22.38
N HIS B 164 -4.65 -20.76 21.77
CA HIS B 164 -5.40 -20.60 20.50
C HIS B 164 -4.67 -21.31 19.35
N PHE B 165 -3.36 -21.32 19.38
CA PHE B 165 -2.61 -22.12 18.36
C PHE B 165 -2.95 -23.61 18.39
N TRP B 166 -2.82 -24.20 19.57
CA TRP B 166 -3.14 -25.64 19.73
C TRP B 166 -4.60 -25.96 19.51
N LEU B 167 -5.48 -25.02 19.87
CA LEU B 167 -6.93 -25.17 19.66
C LEU B 167 -7.19 -25.39 18.17
N ALA B 168 -6.58 -24.55 17.34
CA ALA B 168 -6.83 -24.64 15.89
C ALA B 168 -6.23 -25.90 15.25
N LEU B 169 -4.94 -26.17 15.56
CA LEU B 169 -4.21 -27.34 15.02
C LEU B 169 -4.69 -28.70 15.49
N ARG B 170 -5.39 -28.74 16.60
CA ARG B 170 -5.88 -30.02 17.12
C ARG B 170 -7.32 -30.33 16.91
N ASN B 171 -8.15 -29.35 16.52
CA ASN B 171 -9.58 -29.62 16.56
C ASN B 171 -10.16 -29.41 15.19
N GLU B 172 -10.94 -30.36 14.69
CA GLU B 172 -11.47 -30.22 13.36
C GLU B 172 -12.47 -29.04 13.22
N THR B 173 -13.22 -28.81 14.30
CA THR B 173 -14.19 -27.73 14.46
C THR B 173 -13.83 -27.06 15.78
N PHE B 174 -13.61 -25.75 15.79
CA PHE B 174 -13.32 -25.01 17.06
C PHE B 174 -13.97 -23.61 16.94
N THR B 175 -14.08 -22.93 18.08
CA THR B 175 -14.82 -21.73 18.17
C THR B 175 -13.94 -20.80 18.95
N ILE B 176 -13.69 -19.62 18.40
CA ILE B 176 -12.97 -18.55 19.06
C ILE B 176 -14.09 -17.64 19.61
N GLU B 177 -13.90 -17.08 20.79
CA GLU B 177 -14.86 -16.15 21.37
C GLU B 177 -14.16 -14.93 21.87
N TRP B 178 -14.83 -13.79 21.74
CA TRP B 178 -14.28 -12.51 22.23
C TRP B 178 -15.42 -11.56 22.33
N GLN B 179 -15.18 -10.44 22.98
CA GLN B 179 -16.18 -9.40 23.15
C GLN B 179 -15.99 -8.47 21.96
N GLY B 180 -16.56 -8.83 20.81
CA GLY B 180 -16.41 -7.98 19.66
C GLY B 180 -17.41 -6.83 19.66
N GLU B 181 -17.13 -5.75 18.92
CA GLU B 181 -18.05 -4.57 18.79
C GLU B 181 -18.49 -4.57 17.34
N GLY B 182 -19.78 -4.61 17.15
CA GLY B 182 -20.40 -4.42 15.83
C GLY B 182 -21.86 -4.81 15.85
N PRO B 183 -22.52 -4.84 14.69
CA PRO B 183 -23.88 -5.32 14.68
C PRO B 183 -24.06 -6.75 15.11
N THR B 184 -25.24 -7.06 15.67
CA THR B 184 -25.48 -8.42 16.05
C THR B 184 -25.82 -9.03 14.70
N CYS B 185 -25.24 -10.19 14.42
CA CYS B 185 -25.31 -10.78 13.03
C CYS B 185 -24.79 -12.20 13.00
N ARG B 186 -25.20 -12.93 11.97
CA ARG B 186 -24.69 -14.27 11.66
C ARG B 186 -24.29 -14.35 10.18
N ALA B 187 -23.07 -14.78 9.91
CA ALA B 187 -22.56 -14.84 8.54
C ALA B 187 -21.67 -16.08 8.37
N GLU B 188 -21.82 -16.77 7.25
CA GLU B 188 -20.93 -17.90 6.93
C GLU B 188 -20.38 -17.88 5.51
N GLY B 189 -19.11 -18.26 5.42
CA GLY B 189 -18.31 -18.17 4.22
C GLY B 189 -16.87 -18.59 4.48
N THR B 190 -16.05 -18.51 3.45
CA THR B 190 -14.66 -18.89 3.53
C THR B 190 -13.93 -17.83 4.36
N LEU B 191 -13.27 -18.29 5.41
CA LEU B 191 -12.42 -17.36 6.16
C LEU B 191 -11.13 -17.05 5.41
N TRP B 192 -10.71 -15.76 5.37
CA TRP B 192 -9.41 -15.40 4.76
C TRP B 192 -8.90 -14.05 5.25
N GLY B 193 -7.80 -13.57 4.69
CA GLY B 193 -7.16 -12.34 5.12
C GLY B 193 -5.76 -12.53 5.63
N GLY B 194 -5.47 -11.87 6.77
CA GLY B 194 -4.16 -11.81 7.42
C GLY B 194 -3.67 -10.35 7.50
N ASN B 195 -2.40 -10.11 7.21
CA ASN B 195 -1.86 -8.74 7.25
C ASN B 195 -2.40 -7.81 6.13
N LEU B 196 -2.92 -6.67 6.55
CA LEU B 196 -3.56 -5.74 5.61
C LEU B 196 -2.63 -5.21 4.52
N ALA B 197 -1.49 -4.69 4.89
CA ALA B 197 -0.52 -4.20 3.88
C ALA B 197 -0.07 -5.24 2.86
N MET B 198 0.11 -6.46 3.36
CA MET B 198 0.49 -7.53 2.48
C MET B 198 -0.63 -7.87 1.54
N LEU B 199 -1.87 -7.87 2.01
CA LEU B 199 -3.01 -8.21 1.12
C LEU B 199 -3.16 -7.09 0.11
N ILE B 200 -3.01 -5.84 0.56
CA ILE B 200 -2.97 -4.67 -0.37
C ILE B 200 -1.88 -4.89 -1.47
N SER B 201 -0.70 -5.41 -1.07
CA SER B 201 0.43 -5.57 -2.03
C SER B 201 0.08 -6.50 -3.20
N LEU B 202 -0.97 -7.29 -3.04
CA LEU B 202 -1.31 -8.25 -4.01
C LEU B 202 -2.37 -7.88 -4.96
N ILE B 203 -3.04 -6.75 -4.73
CA ILE B 203 -4.11 -6.35 -5.64
C ILE B 203 -3.51 -6.07 -7.00
N GLY B 204 -4.14 -6.66 -8.00
CA GLY B 204 -3.74 -6.53 -9.35
C GLY B 204 -2.78 -7.59 -9.81
N THR B 205 -2.35 -8.50 -8.93
CA THR B 205 -1.27 -9.45 -9.23
C THR B 205 -1.87 -10.83 -9.29
N PRO B 206 -1.13 -11.84 -9.79
CA PRO B 206 -1.71 -13.21 -9.80
C PRO B 206 -1.92 -13.84 -8.45
N TRP B 207 -1.35 -13.28 -7.39
CA TRP B 207 -1.42 -13.90 -6.07
C TRP B 207 -2.59 -13.45 -5.14
N MET B 208 -3.46 -12.57 -5.63
CA MET B 208 -4.63 -12.11 -4.93
C MET B 208 -5.67 -13.20 -4.85
N PRO B 209 -6.10 -13.59 -3.68
CA PRO B 209 -7.12 -14.61 -3.67
C PRO B 209 -8.45 -14.04 -4.22
N LYS B 210 -9.23 -14.87 -4.91
CA LYS B 210 -10.49 -14.45 -5.52
C LYS B 210 -11.73 -14.85 -4.65
N ILE B 211 -11.70 -14.54 -3.36
CA ILE B 211 -12.65 -15.14 -2.44
C ILE B 211 -13.76 -14.11 -2.35
N GLU B 212 -15.00 -14.58 -2.46
CA GLU B 212 -16.17 -13.74 -2.30
C GLU B 212 -17.10 -14.39 -1.34
N ASN B 213 -17.98 -13.58 -0.75
CA ASN B 213 -18.90 -14.10 0.24
C ASN B 213 -18.22 -14.73 1.38
N GLY B 214 -17.09 -14.13 1.75
CA GLY B 214 -16.24 -14.64 2.82
C GLY B 214 -16.33 -13.82 4.08
N ILE B 215 -15.50 -14.24 5.02
CA ILE B 215 -15.30 -13.59 6.29
C ILE B 215 -13.86 -13.15 6.28
N LEU B 216 -13.61 -11.86 6.05
CA LEU B 216 -12.28 -11.38 5.84
C LEU B 216 -11.81 -10.77 7.14
N VAL B 217 -10.67 -11.18 7.61
CA VAL B 217 -10.10 -10.75 8.90
C VAL B 217 -8.79 -10.09 8.57
N LEU B 218 -8.53 -8.88 9.19
CA LEU B 218 -7.43 -8.02 8.79
C LEU B 218 -6.79 -7.52 10.09
N GLU B 219 -5.50 -7.34 10.01
CA GLU B 219 -4.74 -6.78 11.10
C GLU B 219 -3.58 -6.02 10.49
N ASP B 220 -2.92 -5.22 11.33
CA ASP B 220 -1.69 -4.62 10.93
C ASP B 220 -0.86 -4.06 12.10
N ILE B 221 0.41 -3.75 11.86
CA ILE B 221 1.33 -3.25 12.90
C ILE B 221 1.97 -2.01 12.37
N ASN B 222 2.29 -1.10 13.29
CA ASN B 222 3.06 0.09 12.98
C ASN B 222 2.53 0.70 11.68
N GLU B 223 1.20 0.70 11.52
CA GLU B 223 0.62 1.54 10.51
C GLU B 223 -0.02 2.72 11.23
N HIS B 224 0.28 3.93 10.77
CA HIS B 224 -0.48 5.12 11.16
C HIS B 224 -1.94 4.88 10.70
N PRO B 225 -2.89 5.37 11.53
CA PRO B 225 -4.30 5.31 11.23
C PRO B 225 -4.70 5.69 9.80
N PHE B 226 -4.19 6.81 9.32
CA PHE B 226 -4.49 7.27 7.94
C PHE B 226 -4.00 6.25 6.89
N ARG B 227 -2.81 5.67 7.09
CA ARG B 227 -2.37 4.55 6.26
C ARG B 227 -3.30 3.31 6.37
N VAL B 228 -3.70 2.98 7.56
CA VAL B 228 -4.77 1.92 7.71
C VAL B 228 -6.04 2.28 6.93
N GLU B 229 -6.46 3.55 7.04
CA GLU B 229 -7.64 3.94 6.35
C GLU B 229 -7.51 3.85 4.88
N ARG B 230 -6.38 4.33 4.37
CA ARG B 230 -6.13 4.27 2.92
C ARG B 230 -6.21 2.87 2.38
N MET B 231 -5.59 1.96 3.11
CA MET B 231 -5.64 0.52 2.72
C MET B 231 -7.01 -0.11 2.74
N LEU B 232 -7.69 0.13 3.85
CA LEU B 232 -9.13 -0.29 3.95
C LEU B 232 -10.01 0.31 2.90
N LEU B 233 -9.75 1.59 2.57
CA LEU B 233 -10.48 2.22 1.46
C LEU B 233 -10.18 1.63 0.15
N GLN B 234 -8.93 1.26 -0.05
CA GLN B 234 -8.57 0.62 -1.32
C GLN B 234 -9.29 -0.69 -1.42
N LEU B 235 -9.21 -1.50 -0.38
CA LEU B 235 -10.06 -2.75 -0.43
C LEU B 235 -11.55 -2.49 -0.70
N TYR B 236 -12.10 -1.44 -0.05
CA TYR B 236 -13.44 -1.02 -0.40
C TYR B 236 -13.58 -0.70 -1.88
N HIS B 237 -12.79 0.26 -2.39
CA HIS B 237 -13.01 0.70 -3.78
C HIS B 237 -12.59 -0.29 -4.86
N ALA B 238 -11.71 -1.26 -4.54
CA ALA B 238 -11.44 -2.29 -5.50
C ALA B 238 -12.51 -3.38 -5.54
N GLY B 239 -13.50 -3.29 -4.64
CA GLY B 239 -14.63 -4.19 -4.69
C GLY B 239 -14.44 -5.40 -3.86
N ILE B 240 -13.36 -5.44 -3.09
CA ILE B 240 -13.02 -6.61 -2.29
C ILE B 240 -13.87 -6.67 -1.02
N LEU B 241 -13.89 -5.59 -0.23
CA LEU B 241 -14.71 -5.60 1.01
C LEU B 241 -16.17 -5.82 0.75
N PRO B 242 -16.78 -5.05 -0.15
CA PRO B 242 -18.30 -5.19 -0.26
C PRO B 242 -18.76 -6.53 -0.73
N ARG B 243 -17.88 -7.29 -1.40
CA ARG B 243 -18.24 -8.60 -1.84
C ARG B 243 -18.14 -9.67 -0.81
N GLN B 244 -17.71 -9.39 0.43
CA GLN B 244 -17.63 -10.41 1.47
C GLN B 244 -18.99 -10.45 2.23
N LYS B 245 -19.13 -11.39 3.14
CA LYS B 245 -20.26 -11.41 4.03
C LYS B 245 -19.97 -10.60 5.27
N ALA B 246 -18.70 -10.51 5.63
CA ALA B 246 -18.35 -9.77 6.86
C ALA B 246 -16.94 -9.45 6.93
N ILE B 247 -16.62 -8.51 7.81
CA ILE B 247 -15.25 -8.08 7.92
C ILE B 247 -14.97 -8.08 9.41
N ILE B 248 -13.83 -8.62 9.81
CA ILE B 248 -13.44 -8.61 11.22
C ILE B 248 -12.16 -7.90 11.24
N LEU B 249 -11.97 -7.05 12.24
CA LEU B 249 -10.75 -6.34 12.39
C LEU B 249 -10.08 -6.87 13.64
N GLY B 250 -8.79 -7.25 13.50
CA GLY B 250 -7.92 -7.78 14.50
C GLY B 250 -7.22 -6.61 15.16
N SER B 251 -5.96 -6.81 15.52
CA SER B 251 -5.19 -5.82 16.24
C SER B 251 -4.56 -4.81 15.26
N PHE B 252 -4.57 -3.55 15.67
CA PHE B 252 -4.04 -2.44 14.89
C PHE B 252 -3.12 -1.54 15.71
N ASN B 265 -5.09 6.01 17.76
CA ASN B 265 -6.54 5.99 17.59
C ASN B 265 -7.07 5.83 16.14
N LEU B 266 -7.87 4.80 15.95
CA LEU B 266 -8.49 4.41 14.68
C LEU B 266 -10.01 4.39 14.69
N GLU B 267 -10.62 4.99 15.70
CA GLU B 267 -12.10 5.04 15.75
C GLU B 267 -12.74 5.79 14.61
N SER B 268 -12.13 6.88 14.14
CA SER B 268 -12.65 7.53 12.94
C SER B 268 -12.55 6.65 11.70
N VAL B 269 -11.44 5.88 11.63
CA VAL B 269 -11.24 4.90 10.56
C VAL B 269 -12.33 3.83 10.55
N TYR B 270 -12.59 3.19 11.67
CA TYR B 270 -13.76 2.22 11.72
C TYR B 270 -15.10 2.88 11.35
N ALA B 271 -15.32 4.07 11.89
CA ALA B 271 -16.57 4.85 11.61
C ALA B 271 -16.71 5.17 10.11
N PHE B 272 -15.58 5.65 9.52
CA PHE B 272 -15.64 5.91 8.12
C PHE B 272 -15.87 4.68 7.32
N LEU B 273 -15.12 3.59 7.59
CA LEU B 273 -15.38 2.38 6.75
C LEU B 273 -16.76 1.83 6.95
N ARG B 274 -17.21 1.74 8.20
CA ARG B 274 -18.60 1.37 8.45
C ARG B 274 -19.66 2.18 7.68
N SER B 275 -19.38 3.48 7.51
CA SER B 275 -20.22 4.40 6.71
C SER B 275 -20.25 4.08 5.22
N ARG B 276 -19.27 3.29 4.70
CA ARG B 276 -19.23 2.83 3.31
C ARG B 276 -19.73 1.44 3.12
N LEU B 277 -19.55 0.60 4.12
CA LEU B 277 -19.98 -0.82 4.04
C LEU B 277 -21.42 -1.16 4.35
N SER B 278 -22.01 -2.02 3.55
CA SER B 278 -23.31 -2.55 3.92
C SER B 278 -23.29 -3.95 4.57
N ILE B 279 -22.13 -4.43 5.05
CA ILE B 279 -21.98 -5.75 5.58
C ILE B 279 -21.39 -5.48 6.93
N PRO B 280 -21.55 -6.40 7.87
CA PRO B 280 -21.04 -6.16 9.25
C PRO B 280 -19.54 -5.98 9.33
N LEU B 281 -19.08 -5.18 10.29
CA LEU B 281 -17.68 -5.03 10.46
C LEU B 281 -17.58 -5.13 11.94
N ILE B 282 -16.83 -6.12 12.43
CA ILE B 282 -16.69 -6.39 13.86
C ILE B 282 -15.30 -6.04 14.23
N THR B 283 -15.11 -5.31 15.32
CA THR B 283 -13.74 -5.08 15.81
C THR B 283 -13.49 -5.83 17.06
N GLY B 284 -12.23 -5.75 17.51
CA GLY B 284 -11.82 -6.15 18.84
C GLY B 284 -11.21 -7.56 18.91
N LEU B 285 -11.09 -8.30 17.79
CA LEU B 285 -10.35 -9.57 17.81
C LEU B 285 -8.83 -9.42 18.08
N ASP B 286 -8.30 -10.32 18.92
CA ASP B 286 -6.87 -10.34 19.19
C ASP B 286 -6.22 -11.23 18.13
N PHE B 287 -5.75 -10.62 17.05
CA PHE B 287 -5.19 -11.28 15.88
C PHE B 287 -4.20 -10.36 15.25
N GLY B 288 -2.98 -10.86 15.10
CA GLY B 288 -1.93 -10.18 14.41
C GLY B 288 -0.64 -10.36 15.17
N HIS B 289 -0.02 -9.22 15.45
CA HIS B 289 1.38 -9.05 15.87
C HIS B 289 1.49 -8.73 17.37
N GLU B 290 0.38 -8.66 18.12
CA GLU B 290 0.50 -8.44 19.58
C GLU B 290 0.79 -9.78 20.18
N GLN B 291 1.21 -9.78 21.43
CA GLN B 291 1.51 -11.05 22.12
C GLN B 291 0.31 -12.01 22.25
N ARG B 292 -0.89 -11.40 22.31
CA ARG B 292 -2.10 -12.12 22.22
C ARG B 292 -2.45 -12.12 20.75
N THR B 293 -2.48 -13.32 20.16
CA THR B 293 -3.12 -13.48 18.85
C THR B 293 -3.79 -14.85 18.76
N VAL B 294 -4.95 -14.92 18.09
CA VAL B 294 -5.51 -16.22 17.74
C VAL B 294 -4.80 -16.80 16.53
N THR B 295 -5.23 -17.98 16.09
CA THR B 295 -4.63 -18.59 14.97
C THR B 295 -5.81 -18.87 14.06
N LEU B 296 -5.75 -18.39 12.84
CA LEU B 296 -6.87 -18.56 11.88
C LEU B 296 -6.49 -19.35 10.65
N PRO B 297 -7.32 -20.33 10.31
CA PRO B 297 -7.01 -21.09 9.16
C PRO B 297 -7.57 -20.44 7.94
N LEU B 298 -6.69 -19.72 7.26
CA LEU B 298 -7.03 -19.02 6.04
C LEU B 298 -7.47 -20.03 4.96
N GLY B 299 -8.65 -19.81 4.41
CA GLY B 299 -9.31 -20.73 3.41
C GLY B 299 -10.22 -21.77 4.07
N ALA B 300 -10.22 -21.90 5.40
CA ALA B 300 -11.26 -22.73 6.09
C ALA B 300 -12.67 -22.15 6.05
N HIS B 301 -13.68 -22.90 6.48
CA HIS B 301 -15.06 -22.44 6.53
C HIS B 301 -15.30 -21.83 7.88
N ALA B 302 -15.98 -20.68 7.93
CA ALA B 302 -16.26 -20.04 9.20
C ALA B 302 -17.72 -19.59 9.33
N ILE B 303 -18.20 -19.61 10.56
CA ILE B 303 -19.50 -19.03 10.92
C ILE B 303 -19.22 -18.00 11.94
N LEU B 304 -19.58 -16.77 11.61
CA LEU B 304 -19.45 -15.64 12.53
C LEU B 304 -20.82 -15.43 13.18
N ASN B 305 -20.81 -15.30 14.50
CA ASN B 305 -22.00 -15.06 15.25
C ASN B 305 -21.73 -13.98 16.26
N ASN B 306 -22.29 -12.78 16.00
CA ASN B 306 -22.09 -11.64 16.94
C ASN B 306 -23.43 -11.36 17.64
N THR B 307 -23.40 -11.32 18.95
CA THR B 307 -24.54 -10.97 19.70
C THR B 307 -24.04 -10.06 20.74
N ARG B 308 -25.03 -9.80 21.56
CA ARG B 308 -25.10 -8.78 22.51
C ARG B 308 -24.24 -9.21 23.67
N GLU B 309 -24.31 -10.50 23.95
CA GLU B 309 -23.47 -11.12 24.95
C GLU B 309 -22.05 -11.50 24.47
N GLY B 310 -21.73 -11.38 23.17
CA GLY B 310 -20.31 -11.54 22.70
C GLY B 310 -20.26 -12.13 21.33
N THR B 311 -19.05 -12.42 20.89
CA THR B 311 -18.81 -12.84 19.50
C THR B 311 -18.19 -14.22 19.48
N GLN B 312 -18.61 -15.04 18.53
CA GLN B 312 -18.06 -16.36 18.32
C GLN B 312 -17.71 -16.54 16.90
N LEU B 313 -16.58 -17.21 16.64
CA LEU B 313 -16.24 -17.56 15.27
C LEU B 313 -15.97 -19.03 15.26
N THR B 314 -16.81 -19.78 14.52
CA THR B 314 -16.73 -21.21 14.43
C THR B 314 -16.14 -21.68 13.13
N ILE B 315 -15.00 -22.36 13.26
CA ILE B 315 -14.10 -22.64 12.10
C ILE B 315 -13.93 -24.15 11.83
N SER B 316 -14.10 -24.58 10.58
CA SER B 316 -13.88 -25.94 10.24
C SER B 316 -13.38 -26.10 8.81
N GLY B 317 -12.86 -27.29 8.55
CA GLY B 317 -12.45 -27.72 7.22
C GLY B 317 -10.98 -27.66 7.06
N HIS B 318 -10.29 -27.08 8.00
CA HIS B 318 -8.85 -27.06 7.95
C HIS B 318 -8.17 -28.41 8.35
N PRO B 319 -6.93 -28.68 7.86
CA PRO B 319 -6.19 -29.84 8.34
C PRO B 319 -5.81 -29.67 9.78
N VAL B 320 -5.81 -30.80 10.50
CA VAL B 320 -5.37 -30.87 11.92
C VAL B 320 -4.32 -31.99 12.13
N LEU B 321 -3.60 -31.88 13.25
CA LEU B 321 -2.77 -32.95 13.77
C LEU B 321 -3.66 -34.21 13.92
N LYS B 322 -3.29 -35.28 13.27
CA LYS B 322 -4.07 -36.52 13.29
C LYS B 322 -3.39 -37.48 14.26
N MET B 323 -4.21 -38.21 15.00
CA MET B 323 -3.76 -39.35 15.80
C MET B 323 -4.51 -40.54 15.28
#